data_4LAS
#
_entry.id   4LAS
#
_cell.length_a   34.279
_cell.length_b   65.297
_cell.length_c   48.574
_cell.angle_alpha   90.00
_cell.angle_beta   98.36
_cell.angle_gamma   90.00
#
_symmetry.space_group_name_H-M   'P 1 21 1'
#
loop_
_entity.id
_entity.type
_entity.pdbx_description
1 polymer 'Single chain antibody fragment scFv6H4'
2 non-polymer 4-[(2S)-2-(methylamino)propyl]phenol
3 water water
#
_entity_poly.entity_id   1
_entity_poly.type   'polypeptide(L)'
_entity_poly.pdbx_seq_one_letter_code
;EVQLQESGPSLVKPSQTLSLTCSVTGDSVTSGYWSWIRQFPGNKLDYMGYISYRGSTYYNPSLKSRISITRDTSKNQVYL
QLKSVSSEDTATYYCSYFDSDDYAMEYWGQGTSVTVSGGGGSGGGGSGGGGSQIVLTQSPAIMSASPGEKVTLTCSASSS
VSSSHLYWYQQKPGSSPKLWIYSTSNLASGVPARFSGSGSGTSYSLTISSMEAEDAASYFCHQWSSFPFTFGSGTKLEIK
RAPHHHHHH
;
_entity_poly.pdbx_strand_id   H
#
# COMPACT_ATOMS: atom_id res chain seq x y z
N GLU A 1 -17.76 6.02 2.34
CA GLU A 1 -18.79 5.06 1.78
C GLU A 1 -18.37 3.58 1.82
N VAL A 2 -17.12 3.29 2.20
CA VAL A 2 -16.61 1.91 2.22
C VAL A 2 -15.59 1.64 3.31
N GLN A 3 -15.88 0.60 4.09
CA GLN A 3 -15.03 0.14 5.19
C GLN A 3 -14.69 -1.32 5.00
N LEU A 4 -13.45 -1.66 5.35
CA LEU A 4 -12.91 -2.98 5.14
C LEU A 4 -12.35 -3.49 6.43
N GLN A 5 -12.55 -4.76 6.74
CA GLN A 5 -11.94 -5.29 7.93
C GLN A 5 -11.42 -6.72 7.78
N GLU A 6 -10.12 -6.86 8.01
CA GLU A 6 -9.42 -8.12 7.86
C GLU A 6 -9.55 -8.94 9.15
N SER A 7 -9.64 -10.25 9.02
CA SER A 7 -9.69 -11.12 10.17
C SER A 7 -9.11 -12.49 9.78
N GLY A 8 -8.63 -13.19 10.81
CA GLY A 8 -8.11 -14.55 10.71
C GLY A 8 -7.04 -14.75 11.79
N PRO A 9 -6.41 -15.94 11.80
CA PRO A 9 -5.42 -16.28 12.83
C PRO A 9 -4.21 -15.38 12.80
N SER A 10 -3.66 -15.10 13.98
CA SER A 10 -2.47 -14.30 14.13
C SER A 10 -1.20 -15.14 14.02
N LEU A 11 -1.36 -16.46 14.05
CA LEU A 11 -0.23 -17.37 14.07
C LEU A 11 -0.53 -18.60 13.22
N VAL A 12 0.43 -18.96 12.39
CA VAL A 12 0.31 -20.05 11.45
C VAL A 12 1.63 -20.79 11.52
N LYS A 13 1.57 -22.09 11.29
CA LYS A 13 2.76 -22.94 11.29
C LYS A 13 3.33 -23.13 9.90
N PRO A 14 4.66 -23.28 9.81
CA PRO A 14 5.37 -23.45 8.54
C PRO A 14 4.72 -24.51 7.68
N SER A 15 4.69 -24.28 6.36
CA SER A 15 4.07 -25.19 5.40
C SER A 15 2.53 -25.21 5.45
N GLN A 16 1.93 -24.62 6.48
CA GLN A 16 0.46 -24.52 6.57
C GLN A 16 -0.09 -23.53 5.54
N THR A 17 -1.41 -23.49 5.46
CA THR A 17 -2.14 -22.57 4.62
C THR A 17 -2.69 -21.39 5.42
N LEU A 18 -2.22 -20.18 5.09
CA LEU A 18 -2.76 -18.94 5.67
C LEU A 18 -4.08 -18.57 5.02
N SER A 19 -5.12 -18.34 5.82
CA SER A 19 -6.45 -17.92 5.31
C SER A 19 -6.89 -16.62 6.00
N LEU A 20 -7.30 -15.62 5.23
CA LEU A 20 -7.82 -14.35 5.80
C LEU A 20 -9.07 -13.94 5.08
N THR A 21 -9.89 -13.18 5.79
CA THR A 21 -11.16 -12.69 5.27
C THR A 21 -11.20 -11.16 5.34
N CYS A 22 -11.86 -10.59 4.35
CA CYS A 22 -12.06 -9.16 4.28
C CYS A 22 -13.57 -8.90 4.16
N SER A 23 -14.12 -8.31 5.22
CA SER A 23 -15.54 -8.04 5.35
C SER A 23 -15.72 -6.61 4.98
N VAL A 24 -16.53 -6.42 3.96
CA VAL A 24 -16.74 -5.15 3.33
C VAL A 24 -18.11 -4.62 3.75
N THR A 25 -18.13 -3.35 4.16
CA THR A 25 -19.35 -2.71 4.57
C THR A 25 -19.50 -1.35 3.85
N GLY A 26 -20.52 -0.58 4.23
CA GLY A 26 -20.78 0.71 3.62
C GLY A 26 -21.55 0.54 2.32
N ASP A 27 -21.44 1.54 1.44
CA ASP A 27 -22.26 1.63 0.24
C ASP A 27 -21.93 0.55 -0.81
N SER A 28 -22.96 0.11 -1.54
CA SER A 28 -22.77 -0.80 -2.67
C SER A 28 -22.00 -0.11 -3.79
N VAL A 29 -21.27 -0.91 -4.56
CA VAL A 29 -20.43 -0.39 -5.63
C VAL A 29 -20.72 -1.10 -6.96
N THR A 30 -20.47 -0.40 -8.05
CA THR A 30 -20.72 -0.90 -9.40
C THR A 30 -19.44 -1.29 -10.21
N SER A 31 -18.27 -1.18 -9.57
CA SER A 31 -16.98 -1.59 -10.18
C SER A 31 -15.84 -1.58 -9.15
N GLY A 32 -14.64 -1.90 -9.64
CA GLY A 32 -13.41 -1.72 -8.86
C GLY A 32 -12.73 -3.01 -8.46
N TYR A 33 -11.75 -2.89 -7.55
CA TYR A 33 -10.80 -3.96 -7.27
C TYR A 33 -10.54 -4.09 -5.80
N TRP A 34 -10.54 -5.33 -5.32
CA TRP A 34 -10.20 -5.61 -3.93
C TRP A 34 -8.83 -6.25 -3.91
N SER A 35 -7.90 -5.59 -3.24
CA SER A 35 -6.50 -5.94 -3.28
C SER A 35 -6.07 -6.38 -1.88
N TRP A 36 -5.21 -7.38 -1.82
CA TRP A 36 -4.50 -7.72 -0.61
C TRP A 36 -3.08 -7.17 -0.72
N ILE A 37 -2.67 -6.48 0.34
CA ILE A 37 -1.38 -5.85 0.42
C ILE A 37 -0.85 -6.16 1.82
N ARG A 38 0.41 -6.53 1.92
CA ARG A 38 0.98 -6.86 3.22
C ARG A 38 2.23 -6.02 3.45
N GLN A 39 2.58 -5.85 4.72
CA GLN A 39 3.67 -4.99 5.13
C GLN A 39 4.59 -5.79 6.06
N PHE A 40 5.84 -5.95 5.64
CA PHE A 40 6.75 -6.78 6.36
C PHE A 40 7.23 -6.04 7.59
N PRO A 41 7.84 -6.79 8.50
CA PRO A 41 8.63 -6.26 9.59
C PRO A 41 9.69 -5.42 8.98
N GLY A 42 9.82 -4.20 9.44
CA GLY A 42 10.64 -3.24 8.76
C GLY A 42 9.86 -2.32 7.88
N ASN A 43 8.65 -2.71 7.57
CA ASN A 43 7.69 -1.87 6.89
C ASN A 43 7.61 -1.83 5.38
N LYS A 44 8.32 -2.70 4.71
CA LYS A 44 8.17 -2.86 3.29
C LYS A 44 6.78 -3.37 2.93
N LEU A 45 6.12 -2.64 2.05
CA LEU A 45 4.84 -3.01 1.49
C LEU A 45 4.99 -3.87 0.25
N ASP A 46 4.21 -4.94 0.20
CA ASP A 46 4.23 -5.94 -0.86
C ASP A 46 2.82 -6.05 -1.45
N TYR A 47 2.65 -5.76 -2.76
CA TYR A 47 1.39 -5.96 -3.47
C TYR A 47 1.14 -7.42 -3.90
N MET A 48 0.12 -8.06 -3.30
CA MET A 48 -0.11 -9.50 -3.49
C MET A 48 -0.91 -9.81 -4.74
N GLY A 49 -1.97 -9.06 -4.97
CA GLY A 49 -2.92 -9.33 -6.04
C GLY A 49 -4.28 -8.69 -5.75
N TYR A 50 -5.24 -8.88 -6.66
CA TYR A 50 -6.60 -8.35 -6.46
C TYR A 50 -7.62 -9.32 -7.01
N ILE A 51 -8.88 -9.08 -6.69
CA ILE A 51 -10.03 -9.63 -7.46
C ILE A 51 -10.90 -8.45 -7.83
N SER A 52 -11.35 -8.39 -9.08
CA SER A 52 -12.19 -7.29 -9.54
C SER A 52 -13.68 -7.49 -9.24
N TYR A 53 -14.48 -6.48 -9.59
CA TYR A 53 -15.93 -6.53 -9.50
C TYR A 53 -16.52 -7.63 -10.42
N ARG A 54 -15.81 -7.99 -11.51
CA ARG A 54 -16.18 -9.15 -12.33
C ARG A 54 -15.40 -10.44 -12.02
N GLY A 55 -14.86 -10.56 -10.82
CA GLY A 55 -14.15 -11.77 -10.45
C GLY A 55 -12.79 -12.00 -11.14
N SER A 56 -12.24 -11.02 -11.85
CA SER A 56 -10.90 -11.19 -12.43
C SER A 56 -9.84 -11.06 -11.38
N THR A 57 -8.84 -11.93 -11.43
CA THR A 57 -7.79 -11.93 -10.46
C THR A 57 -6.47 -11.57 -11.10
N TYR A 58 -5.63 -10.90 -10.33
CA TYR A 58 -4.24 -10.78 -10.68
C TYR A 58 -3.39 -11.08 -9.46
N TYR A 59 -2.33 -11.87 -9.68
CA TYR A 59 -1.43 -12.31 -8.63
C TYR A 59 0.00 -11.90 -8.96
N ASN A 60 0.67 -11.33 -8.00
CA ASN A 60 2.09 -11.08 -8.10
C ASN A 60 2.76 -12.40 -8.44
N PRO A 61 3.61 -12.40 -9.48
CA PRO A 61 4.36 -13.61 -9.88
C PRO A 61 5.12 -14.32 -8.79
N SER A 62 5.67 -13.57 -7.84
CA SER A 62 6.46 -14.16 -6.78
C SER A 62 5.62 -15.03 -5.83
N LEU A 63 4.30 -14.93 -5.87
CA LEU A 63 3.39 -15.74 -5.05
C LEU A 63 2.57 -16.75 -5.87
N LYS A 64 2.70 -16.67 -7.20
CA LYS A 64 1.65 -17.08 -8.13
C LYS A 64 1.08 -18.47 -7.78
N SER A 65 2.00 -19.41 -7.70
CA SER A 65 1.80 -20.74 -7.15
C SER A 65 0.82 -20.86 -5.94
N ARG A 66 1.06 -20.03 -4.92
CA ARG A 66 0.56 -20.26 -3.55
C ARG A 66 -0.71 -19.53 -3.25
N ILE A 67 -1.08 -18.60 -4.11
CA ILE A 67 -2.11 -17.64 -3.74
C ILE A 67 -3.36 -17.83 -4.53
N SER A 68 -4.47 -17.55 -3.86
CA SER A 68 -5.74 -17.40 -4.47
C SER A 68 -6.48 -16.36 -3.66
N ILE A 69 -7.27 -15.59 -4.38
CA ILE A 69 -8.11 -14.54 -3.86
C ILE A 69 -9.47 -14.85 -4.44
N THR A 70 -10.47 -15.04 -3.61
CA THR A 70 -11.82 -15.39 -4.02
C THR A 70 -12.76 -14.38 -3.35
N ARG A 71 -14.02 -14.39 -3.77
CA ARG A 71 -15.07 -13.57 -3.19
C ARG A 71 -16.28 -14.43 -2.80
N ASP A 72 -17.08 -13.85 -1.91
CA ASP A 72 -18.41 -14.34 -1.60
C ASP A 72 -19.24 -13.09 -1.45
N THR A 73 -19.78 -12.68 -2.59
CA THR A 73 -20.49 -11.45 -2.74
C THR A 73 -21.80 -11.44 -1.95
N SER A 74 -22.49 -12.57 -1.86
CA SER A 74 -23.72 -12.60 -1.04
C SER A 74 -23.42 -12.21 0.44
N LYS A 75 -22.26 -12.58 0.95
CA LYS A 75 -21.88 -12.17 2.30
C LYS A 75 -20.83 -11.05 2.38
N ASN A 76 -20.71 -10.31 1.26
CA ASN A 76 -19.76 -9.17 1.05
C ASN A 76 -18.35 -9.36 1.59
N GLN A 77 -17.76 -10.49 1.21
CA GLN A 77 -16.44 -10.85 1.67
C GLN A 77 -15.54 -11.25 0.52
N VAL A 78 -14.26 -11.00 0.73
CA VAL A 78 -13.20 -11.33 -0.18
C VAL A 78 -12.20 -12.09 0.68
N TYR A 79 -11.58 -13.11 0.09
CA TYR A 79 -10.72 -14.03 0.84
C TYR A 79 -9.30 -14.03 0.25
N LEU A 80 -8.33 -14.28 1.13
CA LEU A 80 -6.93 -14.50 0.79
C LEU A 80 -6.61 -15.91 1.31
N GLN A 81 -6.05 -16.74 0.44
CA GLN A 81 -5.56 -18.05 0.79
C GLN A 81 -4.11 -18.15 0.31
N LEU A 82 -3.20 -18.45 1.22
CA LEU A 82 -1.84 -18.56 0.85
C LEU A 82 -1.28 -19.86 1.34
N LYS A 83 -0.89 -20.72 0.42
CA LYS A 83 -0.36 -21.99 0.77
C LYS A 83 1.11 -21.99 1.09
N SER A 84 1.53 -22.97 1.86
CA SER A 84 2.91 -23.28 2.16
C SER A 84 3.70 -22.12 2.72
N VAL A 85 3.19 -21.50 3.77
CA VAL A 85 3.81 -20.32 4.32
C VAL A 85 5.14 -20.60 5.00
N SER A 86 5.93 -19.56 5.16
CA SER A 86 7.16 -19.65 5.88
C SER A 86 7.34 -18.35 6.62
N SER A 87 8.39 -18.23 7.42
CA SER A 87 8.76 -16.98 8.10
C SER A 87 8.80 -15.73 7.23
N GLU A 88 9.07 -15.89 5.97
CA GLU A 88 8.99 -14.76 5.00
C GLU A 88 7.60 -14.17 4.76
N ASP A 89 6.56 -14.91 5.13
CA ASP A 89 5.17 -14.47 5.05
C ASP A 89 4.65 -13.79 6.29
N THR A 90 5.54 -13.64 7.27
CA THR A 90 5.21 -12.89 8.46
C THR A 90 5.05 -11.40 8.07
N ALA A 91 3.87 -10.85 8.32
CA ALA A 91 3.55 -9.47 7.97
C ALA A 91 2.17 -9.11 8.49
N THR A 92 1.87 -7.82 8.46
CA THR A 92 0.53 -7.35 8.58
C THR A 92 -0.13 -7.40 7.20
N TYR A 93 -1.34 -7.91 7.15
CA TYR A 93 -2.08 -8.07 5.93
C TYR A 93 -3.24 -7.06 5.87
N TYR A 94 -3.31 -6.34 4.76
CA TYR A 94 -4.37 -5.36 4.55
C TYR A 94 -5.16 -5.73 3.30
N CYS A 95 -6.47 -5.50 3.33
CA CYS A 95 -7.24 -5.45 2.11
C CYS A 95 -7.59 -4.03 1.87
N SER A 96 -7.88 -3.74 0.61
CA SER A 96 -8.02 -2.37 0.13
C SER A 96 -8.92 -2.34 -1.08
N TYR A 97 -9.71 -1.29 -1.19
CA TYR A 97 -10.62 -1.13 -2.33
C TYR A 97 -10.24 0.09 -3.14
N PHE A 98 -10.24 -0.05 -4.47
CA PHE A 98 -9.95 1.06 -5.40
C PHE A 98 -10.86 0.98 -6.63
N ASP A 99 -11.29 2.13 -7.11
CA ASP A 99 -12.14 2.25 -8.31
C ASP A 99 -11.35 3.08 -9.28
N SER A 100 -10.95 2.50 -10.40
CA SER A 100 -10.09 3.24 -11.34
C SER A 100 -10.86 4.29 -12.09
N ASP A 101 -12.18 4.31 -11.92
CA ASP A 101 -12.98 5.44 -12.36
C ASP A 101 -12.85 6.64 -11.39
N ASP A 102 -12.22 6.43 -10.23
CA ASP A 102 -11.90 7.54 -9.32
C ASP A 102 -10.46 7.44 -8.75
N TYR A 103 -9.51 7.99 -9.45
CA TYR A 103 -8.11 7.92 -9.09
C TYR A 103 -7.77 8.49 -7.74
N ALA A 104 -8.57 9.42 -7.25
CA ALA A 104 -8.30 10.14 -6.02
C ALA A 104 -8.66 9.49 -4.70
N MET A 105 -9.22 8.30 -4.72
CA MET A 105 -9.54 7.63 -3.48
C MET A 105 -9.18 6.17 -3.36
N GLU A 106 -8.80 5.78 -2.18
CA GLU A 106 -8.46 4.42 -1.90
C GLU A 106 -8.77 4.16 -0.45
N TYR A 107 -9.30 2.99 -0.21
CA TYR A 107 -9.73 2.63 1.09
C TYR A 107 -8.93 1.45 1.58
N TRP A 108 -8.46 1.49 2.80
CA TRP A 108 -7.72 0.38 3.38
C TRP A 108 -8.42 -0.08 4.64
N GLY A 109 -8.23 -1.34 4.99
CA GLY A 109 -8.65 -1.79 6.31
C GLY A 109 -7.62 -1.43 7.37
N GLN A 110 -7.91 -1.91 8.57
CA GLN A 110 -7.07 -1.67 9.75
C GLN A 110 -5.77 -2.49 9.66
N GLY A 111 -5.87 -3.68 9.07
CA GLY A 111 -4.73 -4.58 8.90
C GLY A 111 -4.73 -5.60 10.00
N THR A 112 -4.30 -6.83 9.71
CA THR A 112 -4.25 -7.86 10.71
C THR A 112 -2.90 -8.55 10.63
N SER A 113 -2.27 -8.78 11.78
CA SER A 113 -0.93 -9.32 11.74
C SER A 113 -0.97 -10.84 11.76
N VAL A 114 -0.01 -11.41 11.09
CA VAL A 114 0.06 -12.83 10.95
C VAL A 114 1.54 -13.16 11.10
N THR A 115 1.83 -14.09 12.01
CA THR A 115 3.20 -14.55 12.13
C THR A 115 3.29 -16.02 11.79
N VAL A 116 4.34 -16.40 11.08
CA VAL A 116 4.61 -17.81 10.80
C VAL A 116 5.67 -18.34 11.79
N SER A 117 5.34 -19.46 12.45
CA SER A 117 6.20 -20.06 13.50
C SER A 117 7.62 -20.50 13.10
N GLY A 128 6.66 -19.62 -7.68
CA GLY A 128 6.41 -20.21 -8.98
C GLY A 128 6.39 -19.07 -9.96
N GLY A 129 6.61 -19.34 -11.25
CA GLY A 129 6.50 -18.36 -12.31
C GLY A 129 7.36 -17.12 -12.23
N GLY A 130 8.02 -16.76 -13.31
CA GLY A 130 8.92 -15.63 -13.29
C GLY A 130 8.28 -14.31 -13.63
N GLY A 131 9.02 -13.22 -13.58
CA GLY A 131 8.48 -11.91 -13.80
C GLY A 131 9.46 -10.77 -13.61
N SER A 132 8.97 -9.55 -13.67
CA SER A 132 9.77 -8.37 -13.48
C SER A 132 9.06 -7.25 -12.73
N GLN A 133 9.84 -6.36 -12.13
CA GLN A 133 9.25 -5.31 -11.37
C GLN A 133 10.05 -4.04 -11.34
N ILE A 134 9.34 -2.93 -11.33
CA ILE A 134 10.00 -1.65 -11.15
C ILE A 134 10.33 -1.49 -9.70
N VAL A 135 11.56 -1.15 -9.41
CA VAL A 135 11.96 -0.92 -8.05
C VAL A 135 11.93 0.58 -7.74
N LEU A 136 11.47 0.92 -6.57
CA LEU A 136 11.31 2.31 -6.19
C LEU A 136 12.11 2.50 -4.94
N THR A 137 13.04 3.45 -4.99
CA THR A 137 13.98 3.75 -3.95
C THR A 137 13.68 5.12 -3.35
N GLN A 138 13.59 5.11 -2.05
CA GLN A 138 13.36 6.30 -1.31
C GLN A 138 14.57 6.49 -0.44
N SER A 139 15.29 7.58 -0.62
CA SER A 139 16.51 7.82 0.15
C SER A 139 16.49 9.28 0.58
N PRO A 140 16.79 9.57 1.85
CA PRO A 140 17.17 8.66 2.91
C PRO A 140 15.99 7.98 3.53
N ALA A 141 16.29 6.83 4.16
CA ALA A 141 15.30 5.98 4.88
C ALA A 141 14.70 6.64 6.12
N ILE A 142 15.52 7.43 6.81
CA ILE A 142 15.13 8.22 7.97
C ILE A 142 15.65 9.64 7.81
N MET A 143 14.84 10.61 8.22
CA MET A 143 15.19 12.02 8.12
C MET A 143 14.58 12.78 9.31
N SER A 144 15.35 13.71 9.90
CA SER A 144 14.88 14.60 10.97
C SER A 144 14.79 16.04 10.44
N ALA A 145 13.75 16.77 10.82
CA ALA A 145 13.69 18.17 10.46
C ALA A 145 12.96 18.99 11.50
N SER A 146 13.31 20.28 11.59
CA SER A 146 12.68 21.16 12.57
C SER A 146 11.38 21.68 12.02
N PRO A 147 10.46 22.03 12.91
CA PRO A 147 9.21 22.52 12.39
C PRO A 147 9.49 23.82 11.66
N GLY A 148 8.73 24.09 10.61
CA GLY A 148 8.95 25.29 9.84
C GLY A 148 9.89 25.12 8.67
N GLU A 149 10.74 24.09 8.71
CA GLU A 149 11.65 23.78 7.60
C GLU A 149 10.84 23.35 6.41
N LYS A 150 11.31 23.70 5.22
CA LYS A 150 10.74 23.16 4.01
C LYS A 150 11.34 21.79 3.74
N VAL A 151 10.50 20.79 3.50
CA VAL A 151 10.95 19.42 3.47
C VAL A 151 10.67 18.78 2.11
N THR A 152 11.65 18.03 1.62
CA THR A 152 11.52 17.35 0.31
C THR A 152 11.89 15.88 0.43
N LEU A 153 10.97 15.01 0.05
CA LEU A 153 11.23 13.57 0.05
C LEU A 153 11.27 13.14 -1.42
N THR A 154 12.18 12.24 -1.78
CA THR A 154 12.36 11.78 -3.16
C THR A 154 12.00 10.31 -3.29
N CYS A 155 11.67 9.96 -4.54
CA CYS A 155 11.36 8.60 -4.96
C CYS A 155 11.98 8.38 -6.35
N SER A 156 12.83 7.36 -6.44
CA SER A 156 13.53 7.10 -7.70
C SER A 156 13.14 5.70 -8.22
N ALA A 157 12.56 5.65 -9.42
CA ALA A 157 12.07 4.38 -9.95
C ALA A 157 13.10 3.83 -10.89
N SER A 158 13.43 2.55 -10.77
CA SER A 158 14.44 1.88 -11.64
C SER A 158 14.12 1.85 -13.13
N SER A 159 12.86 2.12 -13.54
CA SER A 159 12.36 2.38 -14.92
C SER A 159 11.17 3.31 -14.84
N SER A 160 10.92 3.83 -16.19
CA SER A 160 9.94 4.90 -16.20
C SER A 160 8.60 4.40 -15.73
N VAL A 161 7.86 5.32 -15.14
CA VAL A 161 6.50 5.09 -14.79
C VAL A 161 5.72 6.31 -15.25
N SER A 162 4.43 6.09 -15.44
CA SER A 162 3.52 7.09 -15.88
C SER A 162 3.19 7.92 -14.65
N SER A 163 3.20 9.23 -14.78
CA SER A 163 3.13 10.09 -13.64
C SER A 163 1.73 10.10 -13.09
N SER A 164 0.77 9.74 -13.93
CA SER A 164 -0.60 9.58 -13.43
C SER A 164 -0.74 8.38 -12.49
N HIS A 165 0.26 7.49 -12.47
CA HIS A 165 0.24 6.25 -11.67
C HIS A 165 1.33 6.21 -10.64
N LEU A 166 1.80 7.39 -10.26
CA LEU A 166 2.75 7.51 -9.18
C LEU A 166 2.00 8.14 -7.99
N TYR A 167 1.90 7.35 -6.92
CA TYR A 167 1.15 7.72 -5.71
C TYR A 167 2.05 7.77 -4.47
N TRP A 168 1.66 8.58 -3.47
CA TRP A 168 2.32 8.63 -2.18
C TRP A 168 1.32 8.36 -1.09
N TYR A 169 1.82 7.68 -0.04
CA TYR A 169 1.08 7.31 1.17
C TYR A 169 1.78 7.81 2.39
N GLN A 170 0.99 8.15 3.40
CA GLN A 170 1.50 8.45 4.74
C GLN A 170 1.07 7.35 5.67
N GLN A 171 1.93 6.98 6.61
CA GLN A 171 1.53 6.01 7.65
C GLN A 171 2.13 6.45 8.97
N LYS A 172 1.31 6.34 10.00
CA LYS A 172 1.74 6.55 11.36
C LYS A 172 1.64 5.24 12.09
N PRO A 173 2.45 5.11 13.14
CA PRO A 173 2.49 3.85 13.91
C PRO A 173 1.12 3.43 14.39
N GLY A 174 0.76 2.17 14.17
CA GLY A 174 -0.52 1.62 14.60
C GLY A 174 -1.65 2.07 13.69
N SER A 175 -1.33 2.24 12.42
CA SER A 175 -2.34 2.73 11.51
C SER A 175 -1.96 2.25 10.11
N SER A 176 -2.97 2.08 9.27
CA SER A 176 -2.70 1.65 7.90
C SER A 176 -2.28 2.87 7.03
N PRO A 177 -1.62 2.61 5.90
CA PRO A 177 -1.25 3.68 4.96
C PRO A 177 -2.47 4.46 4.52
N LYS A 178 -2.42 5.80 4.53
CA LYS A 178 -3.46 6.60 3.85
C LYS A 178 -2.95 7.21 2.58
N LEU A 179 -3.79 7.24 1.55
CA LEU A 179 -3.43 7.86 0.28
C LEU A 179 -3.19 9.33 0.53
N TRP A 180 -2.02 9.80 0.15
CA TRP A 180 -1.62 11.17 0.46
C TRP A 180 -1.61 12.04 -0.81
N ILE A 181 -0.96 11.55 -1.86
CA ILE A 181 -0.89 12.21 -3.16
C ILE A 181 -1.22 11.20 -4.28
N TYR A 182 -2.02 11.61 -5.25
CA TYR A 182 -2.30 10.73 -6.39
C TYR A 182 -1.93 11.44 -7.64
N SER A 183 -1.46 10.65 -8.59
CA SER A 183 -1.03 11.12 -9.90
C SER A 183 0.03 12.23 -9.78
N THR A 184 1.11 11.93 -9.03
CA THR A 184 2.29 12.79 -8.83
C THR A 184 2.03 14.06 -7.96
N SER A 185 0.99 14.82 -8.25
CA SER A 185 0.88 16.18 -7.69
C SER A 185 -0.49 16.51 -7.17
N ASN A 186 -1.39 15.56 -7.08
CA ASN A 186 -2.74 15.88 -6.64
C ASN A 186 -2.97 15.44 -5.19
N LEU A 187 -3.34 16.36 -4.30
CA LEU A 187 -3.51 15.96 -2.91
C LEU A 187 -4.86 15.25 -2.77
N ALA A 188 -4.89 14.31 -1.84
CA ALA A 188 -6.07 13.54 -1.57
C ALA A 188 -6.81 14.28 -0.51
N SER A 189 -8.06 13.86 -0.30
CA SER A 189 -8.92 14.33 0.74
C SER A 189 -8.29 14.08 2.11
N GLY A 190 -8.31 15.09 2.99
CA GLY A 190 -7.67 14.98 4.31
C GLY A 190 -6.23 15.54 4.41
N VAL A 191 -5.65 15.98 3.28
CA VAL A 191 -4.23 16.36 3.25
C VAL A 191 -4.11 17.89 3.18
N PRO A 192 -3.41 18.50 4.15
CA PRO A 192 -3.26 19.96 4.10
C PRO A 192 -2.48 20.41 2.87
N ALA A 193 -2.78 21.63 2.41
CA ALA A 193 -2.27 22.13 1.14
C ALA A 193 -0.79 22.58 1.22
N ARG A 194 -0.18 22.52 2.41
CA ARG A 194 1.27 22.68 2.55
C ARG A 194 2.07 21.53 1.87
N PHE A 195 1.36 20.46 1.51
CA PHE A 195 1.92 19.32 0.77
C PHE A 195 1.83 19.52 -0.73
N SER A 196 2.86 19.06 -1.44
CA SER A 196 2.88 19.09 -2.92
C SER A 196 3.65 17.89 -3.42
N GLY A 197 3.62 17.67 -4.73
CA GLY A 197 4.37 16.62 -5.32
C GLY A 197 4.68 17.04 -6.72
N SER A 198 5.69 16.43 -7.30
CA SER A 198 6.13 16.76 -8.62
C SER A 198 7.04 15.67 -9.11
N GLY A 199 7.19 15.60 -10.42
CA GLY A 199 8.14 14.72 -11.02
C GLY A 199 7.65 14.05 -12.27
N SER A 200 8.52 13.22 -12.81
CA SER A 200 8.26 12.61 -14.09
C SER A 200 9.25 11.51 -14.39
N GLY A 201 8.84 10.62 -15.30
CA GLY A 201 9.73 9.52 -15.75
C GLY A 201 10.15 8.62 -14.61
N THR A 202 11.40 8.72 -14.18
CA THR A 202 11.91 7.93 -13.07
C THR A 202 12.21 8.75 -11.80
N SER A 203 11.73 9.97 -11.72
CA SER A 203 12.16 10.83 -10.63
C SER A 203 11.02 11.72 -10.12
N TYR A 204 10.70 11.54 -8.84
CA TYR A 204 9.47 12.06 -8.25
C TYR A 204 9.78 12.53 -6.86
N SER A 205 9.01 13.52 -6.40
CA SER A 205 9.24 14.12 -5.09
C SER A 205 7.95 14.55 -4.44
N LEU A 206 8.00 14.55 -3.10
CA LEU A 206 6.96 15.06 -2.24
C LEU A 206 7.57 16.18 -1.37
N THR A 207 6.89 17.31 -1.25
CA THR A 207 7.40 18.47 -0.53
C THR A 207 6.38 18.97 0.48
N ILE A 208 6.87 19.32 1.68
CA ILE A 208 6.10 20.06 2.65
C ILE A 208 6.65 21.47 2.76
N SER A 209 5.81 22.45 2.46
CA SER A 209 6.28 23.84 2.40
C SER A 209 6.77 24.25 3.79
N SER A 210 6.09 23.77 4.84
CA SER A 210 6.50 24.12 6.20
C SER A 210 6.18 22.97 7.13
N MET A 211 7.18 22.40 7.75
CA MET A 211 6.99 21.17 8.50
C MET A 211 6.24 21.46 9.78
N GLU A 212 5.09 20.79 9.96
CA GLU A 212 4.38 20.79 11.23
C GLU A 212 4.68 19.45 11.95
N ALA A 213 4.52 19.51 13.27
CA ALA A 213 4.68 18.36 14.12
C ALA A 213 3.89 17.12 13.64
N GLU A 214 2.64 17.32 13.20
CA GLU A 214 1.79 16.22 12.70
C GLU A 214 2.26 15.61 11.37
N ASP A 215 3.32 16.09 10.77
CA ASP A 215 3.80 15.49 9.56
C ASP A 215 4.86 14.44 9.74
N ALA A 216 5.28 14.23 10.96
CA ALA A 216 6.14 13.15 11.28
C ALA A 216 5.39 11.87 11.08
N ALA A 217 5.92 11.03 10.23
CA ALA A 217 5.25 9.89 9.73
C ALA A 217 6.16 9.26 8.73
N SER A 218 5.76 8.11 8.25
CA SER A 218 6.37 7.42 7.15
C SER A 218 5.65 7.75 5.85
N TYR A 219 6.42 7.95 4.80
CA TYR A 219 5.89 8.26 3.49
C TYR A 219 6.42 7.23 2.54
N PHE A 220 5.51 6.54 1.83
CA PHE A 220 5.88 5.56 0.81
C PHE A 220 5.40 6.05 -0.56
N CYS A 221 6.21 5.80 -1.58
CA CYS A 221 5.77 6.05 -2.94
C CYS A 221 5.37 4.73 -3.46
N HIS A 222 4.68 4.79 -4.59
CA HIS A 222 3.92 3.67 -5.07
C HIS A 222 3.67 3.87 -6.57
N GLN A 223 3.80 2.78 -7.30
CA GLN A 223 3.67 2.76 -8.74
C GLN A 223 2.69 1.66 -9.13
N TRP A 224 1.69 2.02 -9.93
CA TRP A 224 0.80 0.99 -10.46
C TRP A 224 0.63 1.20 -11.96
N SER A 225 1.73 1.65 -12.55
CA SER A 225 1.89 1.84 -13.99
C SER A 225 2.22 0.49 -14.65
N SER A 226 2.99 -0.31 -13.94
CA SER A 226 3.46 -1.57 -14.39
C SER A 226 3.08 -2.65 -13.33
N PHE A 227 2.81 -3.86 -13.80
CA PHE A 227 2.48 -5.03 -12.94
C PHE A 227 3.68 -5.92 -12.68
N PRO A 228 3.87 -6.38 -11.43
CA PRO A 228 3.08 -6.07 -10.24
C PRO A 228 3.34 -4.64 -9.77
N PHE A 229 2.30 -3.98 -9.30
CA PHE A 229 2.45 -2.74 -8.63
C PHE A 229 3.42 -2.88 -7.45
N THR A 230 4.16 -1.82 -7.17
CA THR A 230 5.20 -1.88 -6.15
C THR A 230 5.21 -0.63 -5.29
N PHE A 231 5.88 -0.73 -4.15
CA PHE A 231 6.02 0.38 -3.22
C PHE A 231 7.50 0.63 -2.90
N GLY A 232 7.87 1.87 -2.63
CA GLY A 232 9.21 2.16 -2.17
C GLY A 232 9.39 1.75 -0.72
N SER A 233 10.63 1.67 -0.29
CA SER A 233 11.03 1.25 1.06
C SER A 233 10.61 2.28 2.13
N GLY A 234 10.29 3.50 1.71
CA GLY A 234 9.73 4.46 2.65
C GLY A 234 10.82 5.38 3.19
N THR A 235 10.40 6.60 3.53
CA THR A 235 11.22 7.52 4.28
C THR A 235 10.47 7.86 5.56
N LYS A 236 11.07 7.56 6.67
CA LYS A 236 10.54 7.96 7.93
C LYS A 236 11.00 9.35 8.31
N LEU A 237 10.04 10.26 8.41
CA LEU A 237 10.30 11.63 8.71
C LEU A 237 10.09 11.97 10.17
N GLU A 238 11.11 12.46 10.84
CA GLU A 238 11.01 12.78 12.25
C GLU A 238 11.13 14.25 12.57
N ILE A 239 10.57 14.70 13.69
CA ILE A 239 10.81 16.08 14.15
C ILE A 239 12.06 16.20 14.98
N LYS A 240 12.50 17.40 15.22
CA LYS A 240 13.73 17.63 15.97
C LYS A 240 13.32 18.32 17.21
N ARG A 241 14.07 18.11 18.29
CA ARG A 241 13.96 18.82 19.57
C ARG A 241 13.17 18.10 20.70
N ALA A 242 13.86 17.45 21.63
CA ALA A 242 13.20 16.68 22.72
C ALA A 242 13.14 17.46 24.05
#